data_2UYP
#
_entry.id   2UYP
#
_cell.length_a   72.435
_cell.length_b   85.744
_cell.length_c   62.512
_cell.angle_alpha   90.00
_cell.angle_beta   90.00
_cell.angle_gamma   90.00
#
_symmetry.space_group_name_H-M   'P 21 21 2'
#
loop_
_entity.id
_entity.type
_entity.pdbx_description
1 polymer 'PROTEIN TDCF'
2 non-polymer 'PROPANOIC ACID'
3 water water
#
_entity_poly.entity_id   1
_entity_poly.type   'polypeptide(L)'
_entity_poly.pdbx_seq_one_letter_code
;MKKIIETQRAPGAIGPYVQGVDLGSMVFTSGQIPV(OCS)PQTGEIPADVQDQARLSLENVKAIVVAAGLSVGDIIKMTV
FITDLNDFATINEVYKQFFDEHQATYPTRSCVQVARLPKDVKLEIEAIAVRSA
;
_entity_poly.pdbx_strand_id   A,B,C
#
loop_
_chem_comp.id
_chem_comp.type
_chem_comp.name
_chem_comp.formula
PPI non-polymer 'PROPANOIC ACID' 'C3 H6 O2'
#
# COMPACT_ATOMS: atom_id res chain seq x y z
N LYS A 2 5.56 -18.77 7.75
CA LYS A 2 4.29 -17.96 7.91
C LYS A 2 3.47 -18.41 9.15
N LYS A 3 3.29 -17.49 10.09
CA LYS A 3 2.51 -17.75 11.27
C LYS A 3 1.40 -16.66 11.27
N ILE A 4 0.15 -17.06 11.30
CA ILE A 4 -1.03 -16.19 11.44
C ILE A 4 -1.07 -15.55 12.82
N ILE A 5 -1.40 -14.27 12.91
CA ILE A 5 -1.55 -13.60 14.20
C ILE A 5 -3.04 -13.47 14.58
N GLU A 6 -3.37 -13.90 15.78
CA GLU A 6 -4.74 -13.88 16.25
C GLU A 6 -4.73 -13.30 17.67
N THR A 7 -5.51 -12.24 17.90
CA THR A 7 -5.65 -11.68 19.25
C THR A 7 -7.05 -11.11 19.44
N GLN A 8 -7.51 -11.16 20.71
CA GLN A 8 -8.82 -10.63 21.13
C GLN A 8 -8.68 -9.18 21.60
N ARG A 9 -7.45 -8.68 21.68
CA ARG A 9 -7.19 -7.28 21.99
C ARG A 9 -7.29 -6.40 20.71
N ALA A 10 -7.60 -7.06 19.58
CA ALA A 10 -7.99 -6.37 18.35
C ALA A 10 -9.30 -6.97 17.83
N PRO A 11 -10.05 -6.23 16.99
CA PRO A 11 -11.29 -6.79 16.50
C PRO A 11 -11.15 -8.03 15.59
N GLY A 12 -12.05 -9.00 15.77
CA GLY A 12 -12.11 -10.20 14.94
C GLY A 12 -12.45 -9.77 13.54
N ALA A 13 -11.83 -10.41 12.58
CA ALA A 13 -12.03 -10.11 11.15
C ALA A 13 -13.52 -10.10 10.80
N ILE A 14 -13.96 -9.06 10.08
CA ILE A 14 -15.36 -8.96 9.55
C ILE A 14 -15.47 -9.50 8.10
N GLY A 15 -14.43 -10.27 7.68
CA GLY A 15 -14.33 -10.79 6.31
C GLY A 15 -13.17 -11.74 6.15
N PRO A 16 -12.88 -12.19 4.91
CA PRO A 16 -11.89 -13.27 4.68
C PRO A 16 -10.43 -12.77 4.80
N TYR A 17 -10.01 -12.46 6.01
CA TYR A 17 -8.66 -12.04 6.27
C TYR A 17 -8.24 -12.45 7.71
N VAL A 18 -6.96 -12.32 8.02
CA VAL A 18 -6.46 -12.52 9.35
C VAL A 18 -5.97 -11.16 9.79
N GLN A 19 -5.84 -10.95 11.09
CA GLN A 19 -5.42 -9.63 11.58
C GLN A 19 -3.96 -9.32 11.27
N GLY A 20 -3.13 -10.36 11.25
CA GLY A 20 -1.74 -10.22 11.02
C GLY A 20 -1.08 -11.50 10.53
N VAL A 21 0.06 -11.33 9.87
CA VAL A 21 0.96 -12.44 9.52
C VAL A 21 2.39 -12.13 9.91
N ASP A 22 3.03 -13.11 10.53
CA ASP A 22 4.38 -12.97 11.01
C ASP A 22 5.32 -13.87 10.16
N LEU A 23 6.27 -13.23 9.47
CA LEU A 23 7.16 -13.90 8.55
C LEU A 23 8.50 -14.19 9.19
N GLY A 24 8.62 -14.01 10.50
CA GLY A 24 9.90 -14.20 11.19
C GLY A 24 10.60 -12.86 11.20
N SER A 25 10.87 -12.42 10.01
CA SER A 25 11.58 -11.21 9.74
C SER A 25 10.74 -9.92 9.82
N MET A 26 9.52 -9.99 9.26
CA MET A 26 8.63 -8.88 9.11
C MET A 26 7.28 -9.35 9.58
N VAL A 27 6.49 -8.41 10.11
CA VAL A 27 5.09 -8.65 10.45
C VAL A 27 4.27 -7.64 9.61
N PHE A 28 3.21 -8.13 8.97
CA PHE A 28 2.19 -7.34 8.23
C PHE A 28 0.90 -7.37 9.02
N THR A 29 0.27 -6.20 9.19
CA THR A 29 -1.11 -6.11 9.74
C THR A 29 -2.12 -5.91 8.59
N SER A 30 -3.34 -6.40 8.80
CA SER A 30 -4.47 -5.89 8.03
C SER A 30 -4.70 -4.38 8.29
N GLY A 31 -5.52 -3.74 7.49
CA GLY A 31 -5.91 -2.37 7.77
C GLY A 31 -6.86 -2.32 8.92
N GLN A 32 -6.42 -1.67 9.97
CA GLN A 32 -7.14 -1.54 11.22
C GLN A 32 -8.03 -0.30 11.16
N ILE A 33 -9.32 -0.53 11.35
CA ILE A 33 -10.37 0.46 11.43
C ILE A 33 -10.74 0.66 12.93
N PRO A 34 -11.32 1.82 13.32
CA PRO A 34 -11.71 2.03 14.71
C PRO A 34 -12.96 1.25 15.11
N VAL A 35 -12.89 -0.09 15.06
CA VAL A 35 -13.87 -0.94 15.69
C VAL A 35 -13.39 -1.36 17.08
N OCS A 36 -14.28 -1.28 18.06
CA OCS A 36 -13.88 -1.59 19.42
CB OCS A 36 -14.80 -0.89 20.41
SG OCS A 36 -14.26 -0.91 22.15
C OCS A 36 -13.86 -3.11 19.54
O OCS A 36 -14.84 -3.78 19.18
OD1 OCS A 36 -15.04 0.02 22.91
OD2 OCS A 36 -14.49 -2.25 22.60
OD3 OCS A 36 -12.87 -0.51 22.35
N PRO A 37 -12.71 -3.68 19.97
CA PRO A 37 -12.63 -5.15 20.09
C PRO A 37 -13.60 -5.68 21.20
N GLN A 38 -13.77 -4.93 22.28
CA GLN A 38 -14.75 -5.41 23.26
C GLN A 38 -16.25 -5.31 22.80
N THR A 39 -16.66 -4.18 22.20
CA THR A 39 -18.08 -3.97 21.91
C THR A 39 -18.54 -4.06 20.44
N GLY A 40 -17.62 -3.88 19.49
CA GLY A 40 -18.06 -3.67 18.09
C GLY A 40 -18.40 -2.23 17.74
N GLU A 41 -18.37 -1.30 18.72
CA GLU A 41 -18.72 0.11 18.51
C GLU A 41 -17.67 0.86 17.73
N ILE A 42 -18.13 1.84 16.92
CA ILE A 42 -17.25 2.82 16.27
C ILE A 42 -17.41 4.19 16.95
N PRO A 43 -16.35 4.68 17.60
CA PRO A 43 -16.51 5.99 18.26
C PRO A 43 -16.79 7.10 17.25
N ALA A 44 -17.48 8.15 17.71
CA ALA A 44 -18.06 9.17 16.81
C ALA A 44 -17.00 10.14 16.38
N ASP A 45 -16.21 10.63 17.34
CA ASP A 45 -15.20 11.64 17.14
C ASP A 45 -13.96 11.08 16.45
N VAL A 46 -13.37 11.91 15.57
CA VAL A 46 -12.19 11.56 14.85
C VAL A 46 -10.97 11.28 15.73
N GLN A 47 -10.88 11.97 16.90
CA GLN A 47 -9.75 11.76 17.86
C GLN A 47 -9.74 10.33 18.45
N ASP A 48 -10.90 9.95 18.93
CA ASP A 48 -11.19 8.63 19.41
C ASP A 48 -11.02 7.56 18.31
N GLN A 49 -11.51 7.83 17.09
CA GLN A 49 -11.30 6.88 16.01
C GLN A 49 -9.81 6.71 15.67
N ALA A 50 -9.10 7.82 15.56
CA ALA A 50 -7.66 7.78 15.30
C ALA A 50 -6.93 6.99 16.42
N ARG A 51 -7.16 7.40 17.66
CA ARG A 51 -6.60 6.68 18.78
C ARG A 51 -6.89 5.19 18.72
N LEU A 52 -8.13 4.83 18.40
CA LEU A 52 -8.59 3.45 18.32
C LEU A 52 -8.01 2.61 17.19
N SER A 53 -7.80 3.16 15.97
CA SER A 53 -7.11 2.35 14.99
C SER A 53 -5.73 2.01 15.43
N LEU A 54 -5.04 3.00 16.02
CA LEU A 54 -3.66 2.83 16.44
C LEU A 54 -3.52 1.80 17.58
N GLU A 55 -4.48 1.73 18.49
CA GLU A 55 -4.52 0.69 19.52
C GLU A 55 -4.76 -0.71 18.98
N ASN A 56 -5.58 -0.80 17.94
CA ASN A 56 -5.81 -2.03 17.17
C ASN A 56 -4.54 -2.48 16.45
N VAL A 57 -3.82 -1.54 15.84
CA VAL A 57 -2.51 -1.84 15.21
C VAL A 57 -1.53 -2.37 16.30
N LYS A 58 -1.33 -1.60 17.38
CA LYS A 58 -0.55 -2.02 18.56
C LYS A 58 -0.89 -3.44 19.00
N ALA A 59 -2.19 -3.71 19.13
CA ALA A 59 -2.67 -4.95 19.68
C ALA A 59 -2.16 -6.12 18.83
N ILE A 60 -2.20 -6.01 17.51
CA ILE A 60 -1.72 -7.07 16.64
C ILE A 60 -0.19 -7.22 16.64
N VAL A 61 0.50 -6.10 16.70
CA VAL A 61 1.98 -6.09 16.68
C VAL A 61 2.56 -6.62 18.04
N VAL A 62 1.90 -6.30 19.14
CA VAL A 62 2.26 -6.85 20.44
C VAL A 62 2.02 -8.36 20.45
N ALA A 63 0.92 -8.84 19.87
CA ALA A 63 0.59 -10.27 19.88
C ALA A 63 1.61 -11.15 19.12
N ALA A 64 2.24 -10.55 18.12
CA ALA A 64 3.35 -11.14 17.40
C ALA A 64 4.69 -11.15 18.20
N GLY A 65 4.74 -10.50 19.37
CA GLY A 65 5.97 -10.49 20.19
C GLY A 65 6.80 -9.24 19.99
N LEU A 66 6.22 -8.27 19.30
CA LEU A 66 6.94 -7.08 18.89
C LEU A 66 6.39 -5.91 19.68
N SER A 67 6.83 -4.70 19.34
CA SER A 67 6.26 -3.51 19.96
C SER A 67 6.09 -2.40 18.91
N VAL A 68 5.50 -1.29 19.33
CA VAL A 68 5.21 -0.12 18.46
C VAL A 68 6.45 0.49 17.83
N GLY A 69 7.56 0.55 18.57
CA GLY A 69 8.84 1.04 18.03
C GLY A 69 9.51 0.13 17.00
N ASP A 70 8.87 -1.04 16.72
CA ASP A 70 9.24 -1.95 15.62
C ASP A 70 8.55 -1.69 14.28
N ILE A 71 7.54 -0.79 14.29
CA ILE A 71 6.78 -0.46 13.12
C ILE A 71 7.64 0.46 12.26
N ILE A 72 7.77 0.12 10.98
CA ILE A 72 8.68 0.85 10.05
C ILE A 72 7.91 1.57 8.93
N LYS A 73 6.68 1.09 8.68
CA LYS A 73 5.84 1.64 7.67
C LYS A 73 4.38 1.64 8.13
N MET A 74 3.68 2.77 7.95
CA MET A 74 2.23 2.79 8.03
C MET A 74 1.60 3.47 6.82
N THR A 75 0.46 2.95 6.38
CA THR A 75 -0.37 3.63 5.40
C THR A 75 -1.67 4.05 6.10
N VAL A 76 -2.02 5.34 6.05
CA VAL A 76 -3.19 5.87 6.72
C VAL A 76 -4.20 6.31 5.64
N PHE A 77 -5.25 5.51 5.41
CA PHE A 77 -6.33 5.89 4.54
C PHE A 77 -7.42 6.61 5.37
N ILE A 78 -7.78 7.85 4.94
CA ILE A 78 -8.75 8.68 5.64
C ILE A 78 -9.85 9.20 4.76
N THR A 79 -10.94 9.65 5.33
CA THR A 79 -12.07 10.16 4.52
C THR A 79 -12.10 11.70 4.41
N ASP A 80 -11.29 12.38 5.21
CA ASP A 80 -11.30 13.82 5.23
C ASP A 80 -9.98 14.43 5.74
N LEU A 81 -9.24 15.08 4.83
CA LEU A 81 -7.95 15.80 5.15
C LEU A 81 -8.03 16.92 6.15
N ASN A 82 -9.21 17.52 6.28
CA ASN A 82 -9.46 18.44 7.38
C ASN A 82 -9.37 17.79 8.74
N ASP A 83 -9.49 16.47 8.82
CA ASP A 83 -9.27 15.73 10.08
C ASP A 83 -7.78 15.52 10.30
N PHE A 84 -6.94 15.96 9.38
CA PHE A 84 -5.57 15.55 9.42
C PHE A 84 -4.75 15.98 10.63
N ALA A 85 -4.93 17.23 11.03
CA ALA A 85 -4.19 17.83 12.14
C ALA A 85 -4.52 17.16 13.49
N THR A 86 -5.82 16.89 13.73
CA THR A 86 -6.28 16.01 14.82
C THR A 86 -5.72 14.58 14.70
N ILE A 87 -5.77 13.95 13.53
CA ILE A 87 -5.16 12.62 13.36
C ILE A 87 -3.63 12.65 13.64
N ASN A 88 -2.95 13.64 13.07
CA ASN A 88 -1.52 13.81 13.31
C ASN A 88 -1.15 13.92 14.80
N GLU A 89 -1.95 14.66 15.59
CA GLU A 89 -1.75 14.86 17.01
C GLU A 89 -1.86 13.56 17.83
N VAL A 90 -2.89 12.78 17.55
CA VAL A 90 -3.08 11.51 18.18
C VAL A 90 -1.93 10.54 17.86
N TYR A 91 -1.56 10.53 16.58
CA TYR A 91 -0.58 9.62 15.97
C TYR A 91 0.83 9.96 16.46
N LYS A 92 1.14 11.27 16.51
CA LYS A 92 2.37 11.73 17.15
C LYS A 92 2.46 11.33 18.63
N GLN A 93 1.40 11.60 19.42
CA GLN A 93 1.32 11.21 20.85
C GLN A 93 1.50 9.69 21.03
N PHE A 94 0.83 8.90 20.21
CA PHE A 94 0.92 7.44 20.21
C PHE A 94 2.36 6.90 20.13
N PHE A 95 3.13 7.38 19.15
CA PHE A 95 4.50 6.98 18.95
C PHE A 95 5.39 7.57 20.02
N ASP A 96 5.15 8.84 20.37
CA ASP A 96 5.90 9.51 21.44
C ASP A 96 5.74 8.80 22.78
N GLU A 97 4.51 8.33 23.09
CA GLU A 97 4.23 7.56 24.32
C GLU A 97 5.05 6.29 24.46
N HIS A 98 5.44 5.67 23.35
CA HIS A 98 5.99 4.34 23.38
C HIS A 98 7.42 4.53 23.06
N GLN A 99 7.86 5.77 23.27
CA GLN A 99 9.19 6.21 22.97
C GLN A 99 9.67 5.64 21.63
N ALA A 100 8.80 5.72 20.62
CA ALA A 100 9.06 5.19 19.27
C ALA A 100 9.44 6.25 18.23
N THR A 101 10.50 5.94 17.51
CA THR A 101 10.88 6.60 16.25
C THR A 101 9.71 6.45 15.27
N TYR A 102 9.38 7.56 14.59
CA TYR A 102 8.26 7.55 13.68
C TYR A 102 8.61 6.73 12.45
N PRO A 103 7.64 5.94 11.94
CA PRO A 103 7.88 5.21 10.71
C PRO A 103 7.70 6.05 9.43
N THR A 104 8.03 5.43 8.29
CA THR A 104 7.66 6.01 7.00
C THR A 104 6.14 5.93 7.01
N ARG A 105 5.49 6.84 6.30
CA ARG A 105 4.06 6.90 6.28
C ARG A 105 3.57 7.43 4.90
N SER A 106 2.45 6.91 4.42
CA SER A 106 1.66 7.52 3.33
C SER A 106 0.26 7.82 3.87
N CYS A 107 -0.26 8.97 3.49
CA CYS A 107 -1.58 9.45 3.91
C CYS A 107 -2.37 10.01 2.71
N VAL A 108 -3.52 9.40 2.46
CA VAL A 108 -4.32 9.78 1.32
C VAL A 108 -5.75 9.81 1.71
N GLN A 109 -6.50 10.72 1.10
CA GLN A 109 -7.96 10.76 1.33
C GLN A 109 -8.71 9.91 0.32
N VAL A 110 -9.39 8.89 0.79
CA VAL A 110 -10.12 7.98 -0.13
C VAL A 110 -11.57 8.42 -0.17
N ALA A 111 -12.40 7.73 -0.92
CA ALA A 111 -13.84 8.04 -1.00
C ALA A 111 -14.66 7.59 0.23
N ARG A 112 -14.32 6.40 0.75
CA ARG A 112 -15.14 5.73 1.76
C ARG A 112 -14.42 4.48 2.27
N LEU A 113 -14.70 4.06 3.51
CA LEU A 113 -14.02 2.96 4.15
C LEU A 113 -15.05 1.92 4.62
N PRO A 114 -14.63 0.65 4.80
CA PRO A 114 -15.51 -0.34 5.40
C PRO A 114 -16.06 0.14 6.73
N LYS A 115 -17.38 0.00 6.89
CA LYS A 115 -18.10 0.32 8.11
C LYS A 115 -18.23 1.83 8.34
N ASP A 116 -18.00 2.60 7.28
CA ASP A 116 -18.11 4.08 7.32
C ASP A 116 -17.23 4.76 8.37
N VAL A 117 -16.05 4.17 8.59
CA VAL A 117 -15.05 4.74 9.50
C VAL A 117 -14.23 5.84 8.85
N LYS A 118 -13.61 6.68 9.63
CA LYS A 118 -12.92 7.85 9.12
C LYS A 118 -11.46 7.61 8.72
N LEU A 119 -10.89 6.56 9.28
CA LEU A 119 -9.55 6.15 8.90
C LEU A 119 -9.39 4.63 8.96
N GLU A 120 -8.40 4.16 8.21
CA GLU A 120 -7.97 2.73 8.17
C GLU A 120 -6.45 2.73 8.06
N ILE A 121 -5.78 2.04 9.00
CA ILE A 121 -4.28 2.05 9.12
C ILE A 121 -3.65 0.67 8.96
N GLU A 122 -2.82 0.46 7.94
CA GLU A 122 -1.97 -0.70 7.93
C GLU A 122 -0.53 -0.43 8.33
N ALA A 123 0.07 -1.38 9.07
CA ALA A 123 1.44 -1.30 9.57
C ALA A 123 2.30 -2.44 9.05
N ILE A 124 3.60 -2.16 8.91
CA ILE A 124 4.61 -3.18 8.67
C ILE A 124 5.66 -2.98 9.78
N ALA A 125 6.03 -4.08 10.44
CA ALA A 125 7.07 -4.12 11.49
C ALA A 125 8.21 -5.14 11.12
N VAL A 126 9.43 -4.85 11.59
CA VAL A 126 10.53 -5.81 11.52
C VAL A 126 10.91 -6.32 12.91
N ARG A 127 11.43 -7.55 12.97
CA ARG A 127 11.89 -8.17 14.23
C ARG A 127 13.09 -7.45 14.89
N SER A 128 14.27 -7.38 14.26
CA SER A 128 15.42 -6.91 15.10
C SER A 128 15.46 -5.41 15.44
N MET B 1 19.14 -3.30 11.22
CA MET B 1 19.45 -1.89 10.78
C MET B 1 18.47 -0.85 11.35
N LYS B 2 17.17 -0.95 10.97
CA LYS B 2 16.16 0.09 11.29
C LYS B 2 16.74 1.53 11.22
N LYS B 3 17.48 1.81 10.17
CA LYS B 3 18.13 3.09 10.02
C LYS B 3 17.11 4.03 9.34
N ILE B 4 16.81 5.12 10.02
CA ILE B 4 16.12 6.29 9.44
C ILE B 4 16.93 6.92 8.30
N ILE B 5 16.27 7.25 7.19
CA ILE B 5 16.87 8.05 6.12
C ILE B 5 16.50 9.53 6.18
N GLU B 6 17.55 10.34 6.06
CA GLU B 6 17.41 11.77 6.15
C GLU B 6 18.22 12.44 5.05
N THR B 7 17.57 13.32 4.30
CA THR B 7 18.22 13.99 3.17
C THR B 7 17.61 15.38 3.03
N GLN B 8 18.41 16.33 2.59
CA GLN B 8 17.93 17.68 2.29
C GLN B 8 17.51 17.80 0.83
N ARG B 9 17.89 16.83 0.00
CA ARG B 9 17.46 16.80 -1.40
C ARG B 9 16.00 16.35 -1.61
N ALA B 10 15.30 16.00 -0.53
CA ALA B 10 13.83 15.84 -0.56
C ALA B 10 13.29 16.74 0.52
N PRO B 11 11.99 17.11 0.43
CA PRO B 11 11.44 17.97 1.48
C PRO B 11 11.46 17.24 2.85
N GLY B 12 11.72 18.01 3.90
CA GLY B 12 11.99 17.45 5.22
C GLY B 12 10.65 17.00 5.74
N ALA B 13 10.68 16.06 6.67
CA ALA B 13 9.47 15.66 7.42
C ALA B 13 9.13 16.71 8.47
N ILE B 14 8.01 17.40 8.32
CA ILE B 14 7.48 18.30 9.36
C ILE B 14 6.17 17.66 9.81
N GLY B 15 6.23 16.94 10.95
CA GLY B 15 5.24 15.86 11.20
C GLY B 15 5.83 14.56 11.77
N PRO B 16 4.93 13.60 12.15
CA PRO B 16 5.33 12.35 12.79
C PRO B 16 5.57 11.17 11.80
N TYR B 17 6.49 11.37 10.85
CA TYR B 17 6.96 10.33 9.97
C TYR B 17 8.42 10.68 9.67
N VAL B 18 9.15 9.77 9.06
CA VAL B 18 10.52 10.02 8.55
C VAL B 18 10.49 9.83 7.05
N GLN B 19 11.40 10.45 6.31
CA GLN B 19 11.52 10.28 4.85
C GLN B 19 11.61 8.84 4.32
N GLY B 20 12.48 8.06 4.94
CA GLY B 20 12.64 6.67 4.60
C GLY B 20 13.23 5.86 5.74
N VAL B 21 13.11 4.56 5.62
CA VAL B 21 13.71 3.63 6.52
C VAL B 21 14.49 2.61 5.69
N ASP B 22 15.73 2.39 6.09
CA ASP B 22 16.61 1.35 5.54
C ASP B 22 16.68 0.16 6.53
N LEU B 23 16.36 -1.02 6.04
CA LEU B 23 16.22 -2.19 6.89
C LEU B 23 17.35 -3.18 6.66
N GLY B 24 18.23 -2.89 5.71
CA GLY B 24 19.32 -3.81 5.37
C GLY B 24 19.08 -4.26 3.96
N SER B 25 18.15 -5.20 3.81
CA SER B 25 17.73 -5.79 2.56
C SER B 25 16.80 -4.87 1.72
N MET B 26 16.03 -4.00 2.40
CA MET B 26 15.04 -3.14 1.76
C MET B 26 14.93 -1.75 2.34
N VAL B 27 14.62 -0.80 1.47
CA VAL B 27 14.30 0.60 1.78
C VAL B 27 12.84 0.93 1.44
N PHE B 28 12.14 1.48 2.41
CA PHE B 28 10.79 1.98 2.26
C PHE B 28 10.91 3.51 2.35
N THR B 29 10.22 4.23 1.46
CA THR B 29 10.03 5.69 1.57
C THR B 29 8.63 6.02 2.07
N SER B 30 8.48 7.17 2.71
CA SER B 30 7.16 7.80 2.85
C SER B 30 6.61 8.19 1.48
N GLY B 31 5.31 8.40 1.40
CA GLY B 31 4.65 8.90 0.22
C GLY B 31 5.19 10.26 -0.14
N GLN B 32 5.69 10.42 -1.37
CA GLN B 32 6.29 11.70 -1.77
C GLN B 32 5.36 12.52 -2.63
N ILE B 33 5.15 13.76 -2.20
CA ILE B 33 4.35 14.76 -2.91
C ILE B 33 5.24 15.77 -3.68
N PRO B 34 4.69 16.41 -4.75
CA PRO B 34 5.51 17.32 -5.56
C PRO B 34 5.73 18.67 -4.90
N VAL B 35 6.44 18.67 -3.78
CA VAL B 35 6.83 19.89 -3.08
C VAL B 35 8.32 20.03 -3.39
N OCS B 36 8.73 21.19 -3.89
CA OCS B 36 10.10 21.42 -4.27
CB OCS B 36 10.19 22.62 -5.19
SG OCS B 36 11.76 22.80 -6.07
C OCS B 36 10.96 21.66 -3.02
O OCS B 36 10.65 22.54 -2.24
OD1 OCS B 36 11.53 23.49 -7.28
OD2 OCS B 36 12.65 23.56 -5.26
OD3 OCS B 36 12.32 21.52 -6.34
N PRO B 37 12.03 20.88 -2.83
CA PRO B 37 12.82 21.08 -1.59
C PRO B 37 13.51 22.46 -1.37
N GLN B 38 13.88 23.18 -2.44
CA GLN B 38 14.50 24.53 -2.31
C GLN B 38 13.48 25.68 -2.16
N THR B 39 12.34 25.56 -2.83
CA THR B 39 11.38 26.67 -2.89
C THR B 39 10.19 26.42 -2.01
N GLY B 40 9.88 25.15 -1.72
CA GLY B 40 8.79 24.77 -0.81
C GLY B 40 7.43 24.93 -1.47
N GLU B 41 7.47 25.21 -2.78
CA GLU B 41 6.32 25.33 -3.67
C GLU B 41 5.94 24.01 -4.40
N ILE B 42 4.69 24.01 -4.84
CA ILE B 42 4.15 22.96 -5.65
C ILE B 42 3.96 23.46 -7.10
N PRO B 43 4.64 22.83 -8.08
CA PRO B 43 4.35 23.29 -9.44
C PRO B 43 2.89 22.98 -9.91
N ALA B 44 2.32 23.87 -10.72
CA ALA B 44 0.94 23.72 -11.04
C ALA B 44 0.68 22.55 -12.02
N ASP B 45 1.64 22.33 -12.93
CA ASP B 45 1.51 21.37 -14.05
C ASP B 45 1.82 19.92 -13.63
N VAL B 46 0.94 19.00 -14.03
CA VAL B 46 1.02 17.59 -13.60
C VAL B 46 2.33 16.90 -14.03
N GLN B 47 2.92 17.30 -15.18
CA GLN B 47 4.22 16.71 -15.61
C GLN B 47 5.33 17.10 -14.65
N ASP B 48 5.39 18.40 -14.32
CA ASP B 48 6.26 18.92 -13.27
C ASP B 48 6.03 18.25 -11.94
N GLN B 49 4.80 18.21 -11.44
CA GLN B 49 4.42 17.40 -10.25
C GLN B 49 4.87 15.94 -10.27
N ALA B 50 4.63 15.27 -11.38
CA ALA B 50 5.06 13.88 -11.55
C ALA B 50 6.59 13.74 -11.50
N ARG B 51 7.31 14.50 -12.32
CA ARG B 51 8.77 14.51 -12.27
C ARG B 51 9.40 14.77 -10.88
N LEU B 52 8.87 15.77 -10.20
CA LEU B 52 9.26 16.13 -8.83
C LEU B 52 9.02 15.08 -7.73
N SER B 53 7.81 14.54 -7.63
CA SER B 53 7.55 13.34 -6.85
C SER B 53 8.63 12.26 -7.09
N LEU B 54 8.89 11.94 -8.36
CA LEU B 54 9.92 10.97 -8.69
C LEU B 54 11.35 11.38 -8.20
N GLU B 55 11.76 12.62 -8.50
CA GLU B 55 12.99 13.21 -7.91
C GLU B 55 13.06 13.04 -6.40
N ASN B 56 11.99 13.45 -5.71
CA ASN B 56 11.90 13.33 -4.25
C ASN B 56 12.06 11.89 -3.77
N VAL B 57 11.56 10.92 -4.53
CA VAL B 57 11.73 9.49 -4.26
C VAL B 57 13.21 9.07 -4.40
N LYS B 58 13.82 9.55 -5.47
CA LYS B 58 15.18 9.26 -5.86
C LYS B 58 16.14 9.79 -4.82
N ALA B 59 15.94 11.03 -4.38
CA ALA B 59 16.75 11.64 -3.30
C ALA B 59 16.91 10.73 -2.06
N ILE B 60 15.79 10.19 -1.57
CA ILE B 60 15.75 9.32 -0.38
C ILE B 60 16.34 7.92 -0.64
N VAL B 61 16.05 7.33 -1.79
CA VAL B 61 16.63 6.02 -2.09
C VAL B 61 18.13 6.18 -2.23
N VAL B 62 18.55 7.27 -2.87
CA VAL B 62 19.96 7.55 -3.11
C VAL B 62 20.69 7.88 -1.81
N ALA B 63 20.02 8.56 -0.87
CA ALA B 63 20.57 8.78 0.48
C ALA B 63 20.82 7.46 1.24
N ALA B 64 20.03 6.44 0.93
CA ALA B 64 20.22 5.09 1.46
C ALA B 64 21.41 4.33 0.84
N GLY B 65 22.08 4.95 -0.15
CA GLY B 65 23.10 4.31 -0.96
C GLY B 65 22.59 3.44 -2.11
N LEU B 66 21.34 3.62 -2.52
CA LEU B 66 20.84 2.79 -3.57
C LEU B 66 20.64 3.66 -4.78
N SER B 67 20.13 3.06 -5.84
CA SER B 67 19.87 3.81 -7.04
C SER B 67 18.41 3.57 -7.48
N VAL B 68 17.96 4.31 -8.47
CA VAL B 68 16.63 4.13 -9.08
C VAL B 68 16.36 2.72 -9.56
N GLY B 69 17.38 2.10 -10.17
CA GLY B 69 17.30 0.69 -10.63
C GLY B 69 17.05 -0.30 -9.50
N ASP B 70 17.12 0.15 -8.26
CA ASP B 70 16.82 -0.75 -7.13
C ASP B 70 15.38 -0.64 -6.64
N ILE B 71 14.61 0.28 -7.23
CA ILE B 71 13.24 0.49 -6.81
C ILE B 71 12.40 -0.65 -7.38
N ILE B 72 11.71 -1.35 -6.50
CA ILE B 72 11.00 -2.60 -6.94
C ILE B 72 9.52 -2.54 -6.90
N LYS B 73 8.95 -1.59 -6.18
CA LYS B 73 7.51 -1.37 -6.06
C LYS B 73 7.24 0.11 -5.86
N MET B 74 6.28 0.63 -6.65
CA MET B 74 5.66 1.92 -6.39
C MET B 74 4.14 1.86 -6.32
N THR B 75 3.58 2.73 -5.49
CA THR B 75 2.20 3.03 -5.53
C THR B 75 2.08 4.51 -5.84
N VAL B 76 1.28 4.79 -6.86
CA VAL B 76 1.00 6.11 -7.36
C VAL B 76 -0.44 6.45 -7.07
N PHE B 77 -0.66 7.28 -6.06
CA PHE B 77 -1.96 7.83 -5.77
C PHE B 77 -2.16 9.13 -6.57
N ILE B 78 -3.25 9.18 -7.31
CA ILE B 78 -3.46 10.37 -8.12
C ILE B 78 -4.86 10.91 -7.78
N THR B 79 -5.13 12.18 -8.09
CA THR B 79 -6.49 12.70 -7.93
C THR B 79 -7.35 12.76 -9.22
N ASP B 80 -6.78 12.47 -10.39
CA ASP B 80 -7.51 12.53 -11.64
C ASP B 80 -6.94 11.59 -12.72
N LEU B 81 -7.63 10.50 -13.05
CA LEU B 81 -7.12 9.57 -14.05
C LEU B 81 -6.93 10.13 -15.42
N ASN B 82 -7.58 11.26 -15.67
CA ASN B 82 -7.39 12.05 -16.86
C ASN B 82 -5.94 12.53 -17.06
N ASP B 83 -5.21 12.66 -15.94
CA ASP B 83 -3.80 12.93 -15.90
C ASP B 83 -2.93 11.71 -16.15
N PHE B 84 -3.51 10.54 -16.19
CA PHE B 84 -2.75 9.28 -16.14
C PHE B 84 -1.82 9.04 -17.34
N ALA B 85 -2.31 9.29 -18.56
CA ALA B 85 -1.41 9.04 -19.69
C ALA B 85 -0.16 9.94 -19.58
N THR B 86 -0.38 11.17 -19.12
CA THR B 86 0.69 12.17 -18.93
C THR B 86 1.68 11.76 -17.83
N ILE B 87 1.14 11.36 -16.67
CA ILE B 87 1.94 10.88 -15.57
C ILE B 87 2.78 9.66 -16.02
N ASN B 88 2.13 8.69 -16.70
CA ASN B 88 2.84 7.55 -17.28
C ASN B 88 4.01 7.89 -18.16
N GLU B 89 3.84 8.91 -18.99
CA GLU B 89 4.90 9.34 -19.87
C GLU B 89 6.13 9.86 -19.08
N VAL B 90 5.84 10.75 -18.14
CA VAL B 90 6.88 11.30 -17.32
C VAL B 90 7.57 10.17 -16.53
N TYR B 91 6.78 9.26 -15.98
CA TYR B 91 7.26 8.13 -15.14
C TYR B 91 8.15 7.16 -15.95
N LYS B 92 7.68 6.78 -17.14
CA LYS B 92 8.49 6.03 -18.13
C LYS B 92 9.83 6.72 -18.44
N GLN B 93 9.81 7.99 -18.84
CA GLN B 93 11.10 8.70 -19.15
C GLN B 93 12.04 8.75 -17.94
N PHE B 94 11.48 9.01 -16.76
CA PHE B 94 12.26 8.90 -15.57
C PHE B 94 12.97 7.54 -15.39
N PHE B 95 12.27 6.42 -15.59
CA PHE B 95 12.97 5.09 -15.48
C PHE B 95 13.95 4.82 -16.63
N ASP B 96 13.57 5.18 -17.85
CA ASP B 96 14.40 5.05 -19.03
C ASP B 96 15.71 5.83 -18.95
N GLU B 97 15.65 7.06 -18.45
CA GLU B 97 16.85 7.86 -18.26
C GLU B 97 17.84 7.31 -17.24
N HIS B 98 17.36 6.47 -16.32
CA HIS B 98 18.22 5.88 -15.29
C HIS B 98 18.63 4.49 -15.70
N GLN B 99 18.27 4.12 -16.91
CA GLN B 99 18.42 2.76 -17.42
C GLN B 99 17.86 1.73 -16.43
N ALA B 100 16.65 1.98 -15.95
CA ALA B 100 16.11 1.11 -14.94
C ALA B 100 14.96 0.30 -15.53
N THR B 101 14.87 -0.93 -15.03
CA THR B 101 13.74 -1.80 -15.24
C THR B 101 12.59 -1.12 -14.48
N TYR B 102 11.36 -1.21 -15.02
CA TYR B 102 10.16 -0.68 -14.32
C TYR B 102 9.77 -1.50 -13.09
N PRO B 103 9.47 -0.82 -11.98
CA PRO B 103 9.09 -1.58 -10.81
C PRO B 103 7.70 -2.11 -10.98
N THR B 104 7.24 -2.85 -9.99
CA THR B 104 5.82 -3.15 -9.92
C THR B 104 5.09 -1.89 -9.47
N ARG B 105 3.78 -1.81 -9.76
CA ARG B 105 3.05 -0.56 -9.49
C ARG B 105 1.58 -0.81 -9.22
N SER B 106 1.01 0.05 -8.40
CA SER B 106 -0.41 0.18 -8.25
C SER B 106 -0.70 1.68 -8.43
N CYS B 107 -1.78 1.99 -9.12
CA CYS B 107 -2.20 3.35 -9.41
C CYS B 107 -3.70 3.47 -9.16
N VAL B 108 -4.09 4.36 -8.27
CA VAL B 108 -5.49 4.58 -7.97
C VAL B 108 -5.76 6.08 -7.91
N GLN B 109 -6.99 6.46 -8.20
CA GLN B 109 -7.41 7.80 -8.00
C GLN B 109 -8.12 7.87 -6.69
N VAL B 110 -7.51 8.61 -5.78
CA VAL B 110 -8.10 8.92 -4.46
C VAL B 110 -8.94 10.20 -4.54
N ALA B 111 -9.64 10.55 -3.47
CA ALA B 111 -10.44 11.77 -3.39
C ALA B 111 -9.58 13.01 -3.29
N ARG B 112 -8.51 12.92 -2.49
CA ARG B 112 -7.69 14.10 -2.23
C ARG B 112 -6.35 13.71 -1.60
N LEU B 113 -5.34 14.57 -1.84
CA LEU B 113 -4.00 14.41 -1.26
C LEU B 113 -3.54 15.59 -0.48
N PRO B 114 -2.53 15.38 0.39
CA PRO B 114 -1.95 16.53 1.10
C PRO B 114 -1.60 17.71 0.15
N LYS B 115 -2.01 18.91 0.55
CA LYS B 115 -1.70 20.18 -0.11
C LYS B 115 -2.33 20.30 -1.50
N ASP B 116 -3.32 19.45 -1.76
CA ASP B 116 -4.05 19.43 -3.00
C ASP B 116 -3.13 19.15 -4.18
N VAL B 117 -2.08 18.41 -3.94
CA VAL B 117 -1.24 17.98 -5.01
C VAL B 117 -2.03 16.98 -5.85
N LYS B 118 -1.55 16.78 -7.08
CA LYS B 118 -2.12 15.85 -8.02
C LYS B 118 -1.69 14.36 -7.93
N LEU B 119 -0.58 14.05 -7.25
CA LEU B 119 -0.15 12.68 -7.06
C LEU B 119 0.72 12.55 -5.83
N GLU B 120 0.75 11.35 -5.23
CA GLU B 120 1.69 11.02 -4.17
C GLU B 120 2.27 9.67 -4.53
N ILE B 121 3.58 9.50 -4.39
CA ILE B 121 4.24 8.28 -4.81
C ILE B 121 5.11 7.77 -3.65
N GLU B 122 4.83 6.56 -3.21
CA GLU B 122 5.74 5.79 -2.32
C GLU B 122 6.52 4.66 -3.03
N ALA B 123 7.66 4.28 -2.46
CA ALA B 123 8.57 3.40 -3.17
C ALA B 123 9.04 2.33 -2.19
N ILE B 124 9.32 1.13 -2.71
CA ILE B 124 10.08 0.10 -1.99
C ILE B 124 11.25 -0.26 -2.88
N ALA B 125 12.45 -0.25 -2.30
CA ALA B 125 13.69 -0.59 -2.99
C ALA B 125 14.41 -1.72 -2.25
N VAL B 126 15.07 -2.62 -2.99
CA VAL B 126 15.96 -3.66 -2.36
C VAL B 126 17.43 -3.31 -2.55
N ARG B 127 18.27 -3.72 -1.59
CA ARG B 127 19.71 -3.41 -1.58
C ARG B 127 20.40 -4.18 -2.70
N SER B 128 20.24 -5.51 -2.76
CA SER B 128 20.86 -6.21 -3.92
C SER B 128 19.89 -6.93 -4.90
N LYS C 2 16.38 -10.23 -7.62
CA LYS C 2 15.40 -9.30 -8.30
C LYS C 2 14.95 -9.74 -9.73
N LYS C 3 14.30 -10.91 -9.81
CA LYS C 3 13.80 -11.50 -11.07
C LYS C 3 12.46 -10.87 -11.48
N ILE C 4 12.33 -10.49 -12.75
CA ILE C 4 11.08 -9.96 -13.25
C ILE C 4 10.12 -11.09 -13.53
N ILE C 5 8.83 -10.86 -13.37
CA ILE C 5 7.86 -11.89 -13.66
C ILE C 5 7.04 -11.44 -14.84
N GLU C 6 6.86 -12.35 -15.81
CA GLU C 6 6.09 -12.06 -17.01
C GLU C 6 5.33 -13.31 -17.36
N THR C 7 4.02 -13.17 -17.56
CA THR C 7 3.15 -14.27 -17.86
C THR C 7 1.99 -13.81 -18.80
N GLN C 8 1.47 -14.75 -19.58
CA GLN C 8 0.38 -14.46 -20.49
C GLN C 8 -0.92 -14.85 -19.87
N ARG C 9 -0.82 -15.41 -18.66
CA ARG C 9 -1.99 -15.75 -17.88
C ARG C 9 -2.55 -14.53 -17.08
N ALA C 10 -1.79 -13.43 -17.07
CA ALA C 10 -2.21 -12.12 -16.59
C ALA C 10 -2.02 -11.08 -17.70
N PRO C 11 -2.84 -10.01 -17.73
CA PRO C 11 -2.73 -9.07 -18.85
C PRO C 11 -1.32 -8.45 -18.94
N GLY C 12 -0.87 -8.15 -20.17
CA GLY C 12 0.33 -7.37 -20.38
C GLY C 12 0.17 -5.93 -19.85
N ALA C 13 1.32 -5.31 -19.53
CA ALA C 13 1.40 -3.96 -19.03
C ALA C 13 0.72 -2.95 -19.95
N ILE C 14 -0.33 -2.28 -19.42
CA ILE C 14 -0.86 -1.05 -19.99
C ILE C 14 0.01 0.18 -19.51
N GLY C 15 1.34 0.05 -19.47
CA GLY C 15 2.13 1.11 -18.82
C GLY C 15 3.51 0.69 -18.32
N PRO C 16 4.30 1.68 -17.78
CA PRO C 16 5.69 1.46 -17.37
C PRO C 16 5.76 0.77 -15.97
N TYR C 17 5.36 -0.50 -15.97
CA TYR C 17 5.45 -1.36 -14.83
C TYR C 17 5.62 -2.79 -15.33
N VAL C 18 6.23 -3.61 -14.49
CA VAL C 18 6.23 -5.07 -14.66
C VAL C 18 5.08 -5.66 -13.84
N GLN C 19 4.58 -6.78 -14.34
CA GLN C 19 3.54 -7.56 -13.74
C GLN C 19 3.89 -8.03 -12.34
N GLY C 20 5.13 -8.47 -12.13
CA GLY C 20 5.60 -8.89 -10.81
C GLY C 20 7.13 -8.81 -10.76
N VAL C 21 7.66 -8.76 -9.54
CA VAL C 21 9.08 -8.85 -9.30
C VAL C 21 9.30 -9.84 -8.13
N ASP C 22 10.33 -10.67 -8.29
CA ASP C 22 10.61 -11.77 -7.39
C ASP C 22 11.96 -11.48 -6.75
N LEU C 23 11.92 -11.27 -5.44
CA LEU C 23 13.04 -10.83 -4.68
C LEU C 23 13.78 -12.00 -4.05
N GLY C 24 13.24 -13.23 -4.17
CA GLY C 24 13.87 -14.42 -3.58
C GLY C 24 13.14 -14.88 -2.35
N SER C 25 13.09 -14.03 -1.35
CA SER C 25 12.32 -14.32 -0.16
C SER C 25 10.83 -13.96 -0.36
N MET C 26 10.56 -13.01 -1.27
CA MET C 26 9.19 -12.51 -1.42
C MET C 26 8.92 -11.99 -2.79
N VAL C 27 7.64 -11.91 -3.14
CA VAL C 27 7.18 -11.56 -4.48
C VAL C 27 6.15 -10.39 -4.43
N PHE C 28 6.39 -9.35 -5.20
CA PHE C 28 5.41 -8.27 -5.32
C PHE C 28 4.71 -8.32 -6.65
N THR C 29 3.39 -8.23 -6.69
CA THR C 29 2.66 -8.01 -7.96
C THR C 29 2.16 -6.53 -8.10
N SER C 30 2.04 -6.07 -9.34
CA SER C 30 1.37 -4.83 -9.58
C SER C 30 -0.09 -5.01 -9.20
N GLY C 31 -0.80 -3.92 -9.04
CA GLY C 31 -2.24 -3.96 -8.91
C GLY C 31 -2.90 -4.53 -10.15
N GLN C 32 -3.73 -5.58 -9.97
CA GLN C 32 -4.40 -6.23 -11.08
C GLN C 32 -5.84 -5.77 -11.25
N ILE C 33 -6.23 -5.48 -12.48
CA ILE C 33 -7.60 -5.07 -12.81
C ILE C 33 -8.31 -6.27 -13.54
N PRO C 34 -9.65 -6.32 -13.51
CA PRO C 34 -10.35 -7.37 -14.25
C PRO C 34 -10.32 -7.28 -15.78
N VAL C 35 -9.13 -7.28 -16.37
CA VAL C 35 -8.95 -7.31 -17.77
C VAL C 35 -8.58 -8.75 -18.16
N OCS C 36 -9.25 -9.27 -19.19
CA OCS C 36 -9.03 -10.62 -19.63
CB OCS C 36 -10.22 -11.08 -20.44
SG OCS C 36 -10.27 -12.87 -20.74
C OCS C 36 -7.73 -10.73 -20.44
O OCS C 36 -7.59 -10.05 -21.46
OD1 OCS C 36 -9.32 -13.12 -21.78
OD2 OCS C 36 -10.01 -13.60 -19.54
OD3 OCS C 36 -11.59 -13.20 -21.11
N PRO C 37 -6.79 -11.57 -19.97
CA PRO C 37 -5.46 -11.73 -20.53
C PRO C 37 -5.44 -12.09 -22.04
N GLN C 38 -6.38 -12.94 -22.50
CA GLN C 38 -6.59 -13.27 -23.94
C GLN C 38 -7.25 -12.15 -24.74
N THR C 39 -8.45 -11.80 -24.31
CA THR C 39 -9.40 -11.01 -25.07
C THR C 39 -9.25 -9.50 -24.85
N GLY C 40 -8.64 -9.14 -23.71
CA GLY C 40 -8.46 -7.73 -23.33
C GLY C 40 -9.75 -7.07 -22.83
N GLU C 41 -10.75 -7.90 -22.57
CA GLU C 41 -12.09 -7.45 -22.24
C GLU C 41 -12.32 -7.43 -20.74
N ILE C 42 -13.18 -6.50 -20.30
CA ILE C 42 -13.57 -6.37 -18.91
C ILE C 42 -15.00 -6.88 -18.72
N PRO C 43 -15.20 -7.88 -17.84
CA PRO C 43 -16.59 -8.34 -17.56
C PRO C 43 -17.46 -7.31 -16.81
N ALA C 44 -18.77 -7.29 -17.12
CA ALA C 44 -19.68 -6.28 -16.60
C ALA C 44 -19.93 -6.47 -15.11
N ASP C 45 -20.19 -7.71 -14.69
CA ASP C 45 -20.54 -8.00 -13.30
C ASP C 45 -19.33 -7.99 -12.38
N VAL C 46 -19.55 -7.49 -11.17
CA VAL C 46 -18.55 -7.41 -10.12
C VAL C 46 -18.13 -8.76 -9.55
N GLN C 47 -19.02 -9.74 -9.54
CA GLN C 47 -18.73 -11.16 -9.27
C GLN C 47 -17.59 -11.64 -10.17
N ASP C 48 -17.66 -11.25 -11.45
CA ASP C 48 -16.72 -11.71 -12.46
C ASP C 48 -15.46 -10.91 -12.46
N GLN C 49 -15.55 -9.59 -12.33
CA GLN C 49 -14.38 -8.72 -12.19
C GLN C 49 -13.50 -9.17 -11.04
N ALA C 50 -14.13 -9.47 -9.91
CA ALA C 50 -13.40 -9.90 -8.71
C ALA C 50 -12.70 -11.25 -8.88
N ARG C 51 -13.40 -12.23 -9.46
CA ARG C 51 -12.78 -13.52 -9.84
C ARG C 51 -11.61 -13.32 -10.76
N LEU C 52 -11.77 -12.47 -11.78
CA LEU C 52 -10.71 -12.13 -12.72
C LEU C 52 -9.48 -11.36 -12.16
N SER C 53 -9.67 -10.31 -11.33
CA SER C 53 -8.49 -9.72 -10.66
C SER C 53 -7.69 -10.75 -9.90
N LEU C 54 -8.41 -11.65 -9.24
CA LEU C 54 -7.78 -12.60 -8.37
C LEU C 54 -6.97 -13.62 -9.18
N GLU C 55 -7.52 -14.06 -10.32
CA GLU C 55 -6.84 -15.00 -11.21
C GLU C 55 -5.59 -14.33 -11.77
N ASN C 56 -5.69 -13.03 -12.04
CA ASN C 56 -4.60 -12.25 -12.64
C ASN C 56 -3.45 -12.18 -11.63
N VAL C 57 -3.80 -11.99 -10.35
CA VAL C 57 -2.84 -12.00 -9.23
C VAL C 57 -2.23 -13.43 -9.15
N LYS C 58 -3.08 -14.45 -9.18
CA LYS C 58 -2.66 -15.84 -9.09
C LYS C 58 -1.64 -16.22 -10.20
N ALA C 59 -1.94 -15.84 -11.44
CA ALA C 59 -1.04 -16.07 -12.57
C ALA C 59 0.39 -15.58 -12.30
N ILE C 60 0.52 -14.40 -11.70
CA ILE C 60 1.85 -13.81 -11.50
C ILE C 60 2.55 -14.51 -10.37
N VAL C 61 1.78 -14.97 -9.36
CA VAL C 61 2.33 -15.59 -8.17
C VAL C 61 2.73 -16.98 -8.60
N VAL C 62 1.88 -17.65 -9.39
CA VAL C 62 2.22 -19.00 -9.88
C VAL C 62 3.39 -18.95 -10.86
N ALA C 63 3.48 -17.87 -11.66
CA ALA C 63 4.66 -17.71 -12.59
C ALA C 63 6.00 -17.48 -11.88
N ALA C 64 5.96 -16.98 -10.66
CA ALA C 64 7.14 -16.93 -9.81
C ALA C 64 7.50 -18.31 -9.17
N GLY C 65 6.67 -19.34 -9.37
CA GLY C 65 6.85 -20.63 -8.68
C GLY C 65 6.23 -20.73 -7.28
N LEU C 66 5.24 -19.91 -6.98
CA LEU C 66 4.62 -19.92 -5.68
C LEU C 66 3.15 -20.21 -5.87
N SER C 67 2.44 -20.29 -4.75
CA SER C 67 1.06 -20.60 -4.79
C SER C 67 0.25 -19.54 -4.04
N VAL C 68 -1.07 -19.71 -4.07
CA VAL C 68 -2.04 -18.81 -3.44
C VAL C 68 -1.81 -18.70 -1.91
N GLY C 69 -1.37 -19.83 -1.28
CA GLY C 69 -1.09 -19.97 0.15
C GLY C 69 0.17 -19.26 0.58
N ASP C 70 0.92 -18.80 -0.40
CA ASP C 70 2.11 -18.04 -0.09
C ASP C 70 1.79 -16.55 -0.03
N ILE C 71 0.60 -16.19 -0.50
CA ILE C 71 0.08 -14.83 -0.38
C ILE C 71 -0.23 -14.47 1.10
N ILE C 72 0.47 -13.43 1.56
CA ILE C 72 0.47 -12.99 2.95
C ILE C 72 -0.22 -11.62 3.16
N LYS C 73 -0.37 -10.83 2.07
CA LYS C 73 -0.93 -9.45 2.06
C LYS C 73 -1.56 -9.11 0.71
N MET C 74 -2.81 -8.62 0.75
CA MET C 74 -3.45 -8.00 -0.39
C MET C 74 -3.96 -6.63 -0.02
N THR C 75 -4.02 -5.74 -1.01
CA THR C 75 -4.91 -4.56 -0.95
C THR C 75 -5.99 -4.69 -2.04
N VAL C 76 -7.24 -4.52 -1.61
CA VAL C 76 -8.36 -4.53 -2.51
C VAL C 76 -8.83 -3.09 -2.59
N PHE C 77 -8.62 -2.48 -3.74
CA PHE C 77 -9.05 -1.09 -3.95
C PHE C 77 -10.36 -1.19 -4.71
N ILE C 78 -11.42 -0.58 -4.20
CA ILE C 78 -12.75 -0.71 -4.82
C ILE C 78 -13.40 0.63 -5.10
N THR C 79 -14.36 0.66 -6.04
CA THR C 79 -15.08 1.91 -6.35
C THR C 79 -16.45 2.02 -5.69
N ASP C 80 -16.99 0.90 -5.20
CA ASP C 80 -18.32 0.88 -4.63
C ASP C 80 -18.47 -0.11 -3.49
N LEU C 81 -18.69 0.40 -2.30
CA LEU C 81 -18.87 -0.44 -1.16
C LEU C 81 -20.20 -1.25 -1.20
N ASN C 82 -21.20 -0.82 -2.00
CA ASN C 82 -22.31 -1.74 -2.24
C ASN C 82 -21.82 -3.08 -2.79
N ASP C 83 -20.72 -3.09 -3.57
CA ASP C 83 -20.16 -4.34 -4.17
C ASP C 83 -19.41 -5.22 -3.17
N PHE C 84 -19.27 -4.76 -1.91
CA PHE C 84 -18.38 -5.32 -0.89
C PHE C 84 -18.68 -6.76 -0.44
N ALA C 85 -19.91 -7.07 -0.03
CA ALA C 85 -20.26 -8.44 0.37
C ALA C 85 -19.98 -9.43 -0.75
N THR C 86 -20.30 -9.03 -1.98
CA THR C 86 -20.07 -9.80 -3.18
C THR C 86 -18.58 -10.04 -3.46
N ILE C 87 -17.74 -8.99 -3.52
CA ILE C 87 -16.28 -9.14 -3.61
C ILE C 87 -15.79 -10.12 -2.53
N ASN C 88 -16.23 -9.97 -1.28
CA ASN C 88 -15.82 -10.86 -0.17
C ASN C 88 -16.19 -12.31 -0.29
N GLU C 89 -17.32 -12.60 -0.92
CA GLU C 89 -17.78 -13.96 -1.12
C GLU C 89 -16.87 -14.66 -2.16
N VAL C 90 -16.52 -13.94 -3.21
CA VAL C 90 -15.75 -14.46 -4.32
C VAL C 90 -14.34 -14.70 -3.88
N TYR C 91 -13.90 -13.85 -2.98
CA TYR C 91 -12.52 -13.76 -2.54
C TYR C 91 -12.23 -14.85 -1.48
N LYS C 92 -13.21 -15.10 -0.62
CA LYS C 92 -13.23 -16.23 0.31
C LYS C 92 -13.28 -17.53 -0.47
N GLN C 93 -14.24 -17.65 -1.38
CA GLN C 93 -14.35 -18.85 -2.22
C GLN C 93 -13.01 -19.14 -2.87
N PHE C 94 -12.32 -18.11 -3.36
CA PHE C 94 -11.06 -18.27 -4.13
C PHE C 94 -9.96 -18.81 -3.21
N PHE C 95 -9.86 -18.28 -1.99
CA PHE C 95 -8.88 -18.80 -1.05
C PHE C 95 -9.18 -20.23 -0.58
N ASP C 96 -10.47 -20.50 -0.31
CA ASP C 96 -10.96 -21.80 0.10
C ASP C 96 -10.71 -22.87 -0.94
N GLU C 97 -10.81 -22.49 -2.21
CA GLU C 97 -10.61 -23.38 -3.35
C GLU C 97 -9.22 -23.93 -3.42
N HIS C 98 -8.26 -23.11 -3.02
CA HIS C 98 -6.87 -23.46 -3.06
C HIS C 98 -6.43 -23.92 -1.67
N GLN C 99 -7.40 -24.25 -0.81
CA GLN C 99 -7.16 -24.48 0.65
C GLN C 99 -6.01 -23.66 1.26
N ALA C 100 -6.10 -22.34 1.06
CA ALA C 100 -5.13 -21.38 1.56
C ALA C 100 -5.78 -20.54 2.64
N THR C 101 -5.08 -20.33 3.75
CA THR C 101 -5.56 -19.42 4.76
C THR C 101 -5.58 -17.96 4.23
N TYR C 102 -6.52 -17.18 4.70
CA TYR C 102 -6.69 -15.80 4.19
C TYR C 102 -5.47 -14.94 4.52
N PRO C 103 -4.95 -14.21 3.52
CA PRO C 103 -3.85 -13.25 3.80
C PRO C 103 -4.33 -12.11 4.72
N THR C 104 -3.42 -11.29 5.25
CA THR C 104 -3.78 -9.95 5.72
C THR C 104 -4.31 -9.12 4.55
N ARG C 105 -5.07 -8.07 4.85
CA ARG C 105 -5.76 -7.33 3.83
C ARG C 105 -6.14 -5.91 4.29
N SER C 106 -6.05 -4.96 3.36
CA SER C 106 -6.68 -3.67 3.42
C SER C 106 -7.68 -3.58 2.29
N CYS C 107 -8.72 -2.81 2.53
CA CYS C 107 -9.77 -2.61 1.57
C CYS C 107 -10.24 -1.15 1.68
N VAL C 108 -10.11 -0.40 0.58
CA VAL C 108 -10.50 0.98 0.62
C VAL C 108 -11.40 1.27 -0.55
N GLN C 109 -12.37 2.20 -0.40
CA GLN C 109 -13.11 2.68 -1.56
C GLN C 109 -12.40 3.93 -2.15
N VAL C 110 -11.95 3.83 -3.40
CA VAL C 110 -11.26 4.92 -4.07
C VAL C 110 -12.23 5.64 -4.98
N ALA C 111 -11.82 6.76 -5.57
CA ALA C 111 -12.72 7.48 -6.44
C ALA C 111 -12.94 6.75 -7.75
N ARG C 112 -11.83 6.27 -8.34
CA ARG C 112 -11.82 5.75 -9.68
C ARG C 112 -10.57 4.87 -9.90
N LEU C 113 -10.68 3.90 -10.82
CA LEU C 113 -9.63 2.94 -11.15
C LEU C 113 -9.31 2.95 -12.66
N PRO C 114 -8.03 2.65 -13.01
CA PRO C 114 -7.68 2.51 -14.44
C PRO C 114 -8.77 1.72 -15.21
N LYS C 115 -9.19 2.23 -16.38
CA LYS C 115 -10.24 1.63 -17.24
C LYS C 115 -11.65 1.56 -16.62
N ASP C 116 -11.88 2.27 -15.50
CA ASP C 116 -13.21 2.27 -14.87
C ASP C 116 -13.70 0.91 -14.36
N VAL C 117 -12.73 0.06 -14.01
CA VAL C 117 -13.00 -1.20 -13.38
C VAL C 117 -13.51 -0.97 -11.96
N LYS C 118 -14.25 -1.96 -11.44
CA LYS C 118 -14.81 -1.91 -10.08
C LYS C 118 -13.82 -2.24 -8.94
N LEU C 119 -12.67 -2.79 -9.31
CA LEU C 119 -11.70 -3.14 -8.31
C LEU C 119 -10.27 -3.37 -8.88
N GLU C 120 -9.31 -3.31 -7.97
CA GLU C 120 -7.87 -3.58 -8.34
C GLU C 120 -7.23 -4.22 -7.12
N ILE C 121 -6.49 -5.32 -7.33
CA ILE C 121 -5.89 -6.09 -6.24
C ILE C 121 -4.38 -6.18 -6.44
N GLU C 122 -3.59 -5.74 -5.46
CA GLU C 122 -2.18 -6.06 -5.38
C GLU C 122 -1.91 -7.09 -4.27
N ALA C 123 -0.83 -7.84 -4.44
CA ALA C 123 -0.48 -8.92 -3.55
C ALA C 123 1.02 -8.95 -3.20
N ILE C 124 1.32 -9.64 -2.11
CA ILE C 124 2.68 -9.86 -1.67
C ILE C 124 2.65 -11.29 -1.22
N ALA C 125 3.54 -12.09 -1.79
CA ALA C 125 3.71 -13.50 -1.42
C ALA C 125 5.10 -13.76 -0.80
N VAL C 126 5.22 -14.74 0.10
CA VAL C 126 6.58 -15.16 0.57
C VAL C 126 6.95 -16.56 0.07
N ARG C 127 8.23 -16.82 -0.17
CA ARG C 127 8.63 -18.18 -0.59
C ARG C 127 8.47 -19.25 0.53
N SER C 128 8.99 -19.00 1.73
CA SER C 128 8.63 -19.95 2.83
C SER C 128 8.16 -19.32 4.17
C1 PPI D . -0.82 0.61 -12.60
C2 PPI D . -1.24 -0.85 -12.31
C3 PPI D . -2.77 -0.88 -12.16
O1 PPI D . 0.12 1.11 -11.93
O2 PPI D . -1.41 1.28 -13.48
C1 PPI E . -10.65 -5.35 4.88
C2 PPI E . -10.21 -4.71 6.18
C3 PPI E . -10.99 -3.41 6.26
O1 PPI E . -9.76 -5.74 4.11
O2 PPI E . -11.88 -5.52 4.60
#